data_7WWW
#
_entry.id   7WWW
#
_cell.length_a   114.922
_cell.length_b   114.922
_cell.length_c   118.620
_cell.angle_alpha   90.000
_cell.angle_beta   90.000
_cell.angle_gamma   90.000
#
_symmetry.space_group_name_H-M   'I 41 2 2'
#
loop_
_entity.id
_entity.type
_entity.pdbx_description
1 polymer 'Glyceraldehyde-3-phosphate dehydrogenase'
2 non-polymer NICOTINAMIDE-ADENINE-DINUCLEOTIDE
3 non-polymer 1,2-ETHANEDIOL
4 water water
#
_entity_poly.entity_id   1
_entity_poly.type   'polypeptide(L)'
_entity_poly.pdbx_seq_one_letter_code
;MTVRIGINGFGRIGRLAFRRIMDLGEKSSDIEVVAINDLTTPALLAHLLKYDSTHGTFNHEVSATDDSIVVDGKKYRVYA
EPQAQNIPWVKNDGVDFVLECTGFYTSKAKSEAHLKAGAKRVLISAPAGSDLKTIVYGVNDDTLTADDKIVSAGSCTTNS
LAPMVNALQKEFGIEVGTMTTIHAYTSTQMLLDGPVRGGNLRSARAAAINIIPHSTGAAKAIGLVVPELNGKLNGHAQRV
PVPDGSVTELVSILSKDVTADEVNEAVKKYESPSFAYNDHNIVSSDVLGMTAGSIFDPTQTMVTTAGDKQLVKTVAWYDN
EYSFTCQMVRTLLKFATLLEHHHHHH
;
_entity_poly.pdbx_strand_id   A
#
loop_
_chem_comp.id
_chem_comp.type
_chem_comp.name
_chem_comp.formula
EDO non-polymer 1,2-ETHANEDIOL 'C2 H6 O2'
NAD non-polymer NICOTINAMIDE-ADENINE-DINUCLEOTIDE 'C21 H27 N7 O14 P2'
#
# COMPACT_ATOMS: atom_id res chain seq x y z
N VAL A 3 -16.10 -15.80 -0.10
CA VAL A 3 -14.99 -15.56 -1.10
C VAL A 3 -13.64 -16.01 -0.53
N ARG A 4 -13.08 -17.02 -1.22
CA ARG A 4 -11.91 -17.74 -0.77
C ARG A 4 -10.66 -17.08 -1.36
N ILE A 5 -9.75 -16.64 -0.47
CA ILE A 5 -8.60 -15.84 -0.87
C ILE A 5 -7.33 -16.67 -0.76
N GLY A 6 -6.56 -16.66 -1.87
CA GLY A 6 -5.17 -17.12 -1.87
C GLY A 6 -4.23 -15.92 -1.80
N ILE A 7 -3.26 -15.98 -0.90
CA ILE A 7 -2.28 -14.91 -0.82
C ILE A 7 -1.01 -15.38 -1.53
N ASN A 8 -0.67 -14.71 -2.63
CA ASN A 8 0.59 -15.00 -3.30
C ASN A 8 1.66 -14.02 -2.80
N GLY A 9 2.61 -14.57 -2.04
CA GLY A 9 3.71 -13.81 -1.46
C GLY A 9 3.37 -13.41 -0.03
N PHE A 10 3.81 -14.27 0.89
CA PHE A 10 3.62 -14.09 2.32
C PHE A 10 4.73 -13.20 2.87
N GLY A 11 5.00 -12.11 2.15
CA GLY A 11 5.98 -11.11 2.57
C GLY A 11 5.37 -10.17 3.60
N ARG A 12 5.97 -8.98 3.74
CA ARG A 12 5.48 -8.01 4.69
C ARG A 12 3.99 -7.75 4.44
N ILE A 13 3.62 -7.51 3.17
CA ILE A 13 2.26 -7.14 2.83
C ILE A 13 1.32 -8.35 2.96
N GLY A 14 1.72 -9.47 2.34
CA GLY A 14 0.91 -10.68 2.48
C GLY A 14 0.65 -11.05 3.94
N ARG A 15 1.68 -11.04 4.78
CA ARG A 15 1.44 -11.39 6.18
C ARG A 15 0.55 -10.37 6.88
N LEU A 16 0.76 -9.07 6.65
CA LEU A 16 -0.01 -8.06 7.38
C LEU A 16 -1.47 -8.10 6.92
N ALA A 17 -1.69 -8.44 5.66
CA ALA A 17 -3.05 -8.58 5.15
C ALA A 17 -3.73 -9.75 5.86
N PHE A 18 -2.99 -10.84 6.06
CA PHE A 18 -3.51 -11.96 6.81
C PHE A 18 -3.90 -11.48 8.21
N ARG A 19 -3.00 -10.72 8.86
CA ARG A 19 -3.27 -10.24 10.20
C ARG A 19 -4.52 -9.35 10.22
N ARG A 20 -4.60 -8.41 9.28
CA ARG A 20 -5.67 -7.42 9.29
C ARG A 20 -7.03 -8.10 9.04
N ILE A 21 -7.06 -9.03 8.08
CA ILE A 21 -8.30 -9.74 7.81
C ILE A 21 -8.78 -10.47 9.07
N MET A 22 -7.88 -11.19 9.73
CA MET A 22 -8.25 -11.94 10.93
C MET A 22 -8.69 -10.97 12.03
N ASP A 23 -7.94 -9.88 12.21
CA ASP A 23 -8.28 -9.01 13.33
C ASP A 23 -9.51 -8.15 13.08
N LEU A 24 -9.97 -8.05 11.82
CA LEU A 24 -11.28 -7.45 11.59
C LEU A 24 -12.41 -8.37 12.03
N GLY A 25 -12.16 -9.68 12.14
CA GLY A 25 -13.18 -10.54 12.73
C GLY A 25 -14.46 -10.53 11.89
N GLU A 26 -15.59 -10.20 12.54
CA GLU A 26 -16.92 -10.05 11.98
C GLU A 26 -16.90 -9.15 10.75
N LYS A 27 -16.12 -8.07 10.82
CA LYS A 27 -16.10 -7.06 9.77
C LYS A 27 -15.44 -7.57 8.48
N SER A 28 -14.85 -8.78 8.49
CA SER A 28 -14.29 -9.32 7.26
C SER A 28 -14.93 -10.66 6.88
N SER A 29 -16.23 -10.80 7.20
CA SER A 29 -17.03 -12.02 7.12
C SER A 29 -17.12 -12.58 5.71
N ASP A 30 -17.14 -11.69 4.70
CA ASP A 30 -17.42 -12.07 3.33
C ASP A 30 -16.19 -12.76 2.74
N ILE A 31 -15.06 -12.61 3.43
CA ILE A 31 -13.78 -13.07 2.93
C ILE A 31 -13.08 -13.88 4.03
N GLU A 32 -12.26 -14.82 3.56
CA GLU A 32 -11.37 -15.51 4.46
C GLU A 32 -10.19 -16.06 3.67
N VAL A 33 -9.02 -15.92 4.26
CA VAL A 33 -7.85 -16.50 3.64
C VAL A 33 -7.93 -18.02 3.75
N VAL A 34 -7.71 -18.73 2.64
CA VAL A 34 -7.73 -20.18 2.67
C VAL A 34 -6.37 -20.79 2.32
N ALA A 35 -5.49 -20.04 1.65
CA ALA A 35 -4.26 -20.67 1.21
C ALA A 35 -3.20 -19.63 0.90
N ILE A 36 -1.94 -20.07 0.86
CA ILE A 36 -0.81 -19.17 0.75
C ILE A 36 0.22 -19.81 -0.16
N ASN A 37 0.94 -18.97 -0.92
CA ASN A 37 2.01 -19.47 -1.75
C ASN A 37 3.25 -18.62 -1.53
N ASP A 38 4.41 -19.27 -1.45
CA ASP A 38 5.64 -18.52 -1.34
C ASP A 38 6.75 -19.42 -1.86
N LEU A 39 7.97 -19.19 -1.34
CA LEU A 39 9.14 -19.89 -1.81
C LEU A 39 9.81 -20.60 -0.64
N THR A 40 9.07 -20.90 0.43
CA THR A 40 9.74 -21.30 1.67
C THR A 40 8.89 -22.25 2.52
N THR A 41 9.41 -22.63 3.68
CA THR A 41 8.77 -23.69 4.48
C THR A 41 7.56 -23.13 5.23
N PRO A 42 6.51 -23.95 5.47
CA PRO A 42 5.45 -23.56 6.38
C PRO A 42 6.01 -23.15 7.75
N ALA A 43 7.04 -23.85 8.21
CA ALA A 43 7.66 -23.56 9.50
C ALA A 43 8.05 -22.09 9.56
N LEU A 44 8.72 -21.60 8.51
CA LEU A 44 9.19 -20.22 8.51
C LEU A 44 8.03 -19.24 8.34
N LEU A 45 7.06 -19.56 7.47
CA LEU A 45 5.93 -18.66 7.23
C LEU A 45 5.14 -18.45 8.52
N ALA A 46 4.91 -19.54 9.26
CA ALA A 46 4.21 -19.49 10.53
C ALA A 46 5.00 -18.63 11.50
N HIS A 47 6.32 -18.82 11.57
CA HIS A 47 7.14 -18.07 12.49
C HIS A 47 7.06 -16.57 12.18
N LEU A 48 7.11 -16.23 10.89
CA LEU A 48 7.13 -14.81 10.54
C LEU A 48 5.77 -14.14 10.72
N LEU A 49 4.68 -14.90 10.53
CA LEU A 49 3.34 -14.37 10.84
C LEU A 49 3.26 -14.08 12.34
N LYS A 50 3.81 -14.99 13.15
CA LYS A 50 3.68 -14.85 14.60
C LYS A 50 4.52 -13.67 15.10
N TYR A 51 5.79 -13.62 14.67
CA TYR A 51 6.71 -12.67 15.26
C TYR A 51 7.12 -11.66 14.19
N ASP A 52 6.95 -10.36 14.50
CA ASP A 52 7.24 -9.32 13.52
C ASP A 52 8.13 -8.27 14.19
N SER A 53 9.28 -7.92 13.60
CA SER A 53 10.18 -6.98 14.26
C SER A 53 9.58 -5.56 14.38
N THR A 54 8.66 -5.21 13.47
CA THR A 54 8.11 -3.86 13.51
C THR A 54 6.68 -3.82 14.02
N HIS A 55 5.91 -4.87 13.81
CA HIS A 55 4.49 -4.76 14.16
C HIS A 55 4.14 -5.62 15.37
N GLY A 56 5.14 -6.21 16.03
CA GLY A 56 4.94 -6.95 17.26
C GLY A 56 4.38 -8.35 17.03
N THR A 57 4.13 -9.05 18.13
CA THR A 57 3.76 -10.45 18.10
C THR A 57 2.25 -10.51 17.84
N PHE A 58 1.85 -11.38 16.91
CA PHE A 58 0.46 -11.63 16.60
C PHE A 58 -0.24 -12.31 17.79
N ASN A 59 -1.39 -11.78 18.23
CA ASN A 59 -1.99 -12.25 19.46
C ASN A 59 -2.87 -13.47 19.21
N HIS A 60 -2.28 -14.48 18.57
CA HIS A 60 -2.93 -15.74 18.27
C HIS A 60 -1.92 -16.88 18.43
N GLU A 61 -2.43 -18.12 18.41
CA GLU A 61 -1.58 -19.28 18.51
C GLU A 61 -1.23 -19.74 17.09
N VAL A 62 0.07 -19.71 16.76
CA VAL A 62 0.47 -20.03 15.40
C VAL A 62 1.42 -21.22 15.42
N SER A 63 1.23 -22.15 14.48
CA SER A 63 2.21 -23.20 14.32
C SER A 63 2.18 -23.69 12.87
N ALA A 64 2.94 -24.73 12.58
CA ALA A 64 2.97 -25.25 11.22
C ALA A 64 2.76 -26.76 11.25
N THR A 65 2.30 -27.33 10.14
CA THR A 65 2.51 -28.74 9.86
C THR A 65 3.56 -28.85 8.74
N ASP A 66 3.60 -30.01 8.08
CA ASP A 66 4.54 -30.23 6.99
C ASP A 66 4.12 -29.43 5.76
N ASP A 67 2.84 -29.05 5.64
CA ASP A 67 2.41 -28.37 4.43
C ASP A 67 1.41 -27.23 4.69
N SER A 68 1.29 -26.76 5.94
CA SER A 68 0.33 -25.69 6.25
C SER A 68 0.80 -24.87 7.43
N ILE A 69 0.24 -23.67 7.57
CA ILE A 69 0.30 -22.96 8.85
C ILE A 69 -1.04 -23.17 9.55
N VAL A 70 -1.02 -22.98 10.87
CA VAL A 70 -2.16 -23.23 11.73
C VAL A 70 -2.34 -22.01 12.62
N VAL A 71 -3.53 -21.40 12.56
CA VAL A 71 -3.78 -20.27 13.43
C VAL A 71 -5.02 -20.56 14.27
N ASP A 72 -4.86 -20.48 15.60
CA ASP A 72 -5.95 -20.75 16.54
C ASP A 72 -6.66 -22.06 16.19
N GLY A 73 -5.92 -23.06 15.70
CA GLY A 73 -6.53 -24.34 15.35
C GLY A 73 -6.90 -24.47 13.88
N LYS A 74 -7.10 -23.37 13.14
CA LYS A 74 -7.51 -23.54 11.75
C LYS A 74 -6.27 -23.66 10.85
N LYS A 75 -6.37 -24.53 9.83
CA LYS A 75 -5.26 -24.82 8.93
C LYS A 75 -5.34 -23.93 7.70
N TYR A 76 -4.19 -23.40 7.24
CA TYR A 76 -4.11 -22.71 5.96
C TYR A 76 -3.01 -23.32 5.10
N ARG A 77 -3.39 -23.90 3.95
CA ARG A 77 -2.46 -24.59 3.06
C ARG A 77 -1.35 -23.66 2.55
N VAL A 78 -0.10 -24.16 2.51
CA VAL A 78 1.06 -23.41 2.02
C VAL A 78 1.67 -24.16 0.85
N TYR A 79 1.91 -23.43 -0.23
CA TYR A 79 2.55 -23.92 -1.45
C TYR A 79 3.86 -23.14 -1.63
N ALA A 80 4.76 -23.72 -2.45
CA ALA A 80 6.01 -23.09 -2.80
C ALA A 80 6.19 -23.11 -4.32
N GLU A 81 5.25 -22.49 -5.05
CA GLU A 81 5.18 -22.60 -6.50
C GLU A 81 5.68 -21.30 -7.13
N PRO A 82 6.88 -21.28 -7.75
CA PRO A 82 7.42 -20.04 -8.31
C PRO A 82 6.59 -19.49 -9.47
N GLN A 83 5.90 -20.38 -10.21
CA GLN A 83 5.06 -19.95 -11.32
C GLN A 83 3.58 -20.10 -10.93
N ALA A 84 2.85 -18.98 -11.03
CA ALA A 84 1.52 -18.79 -10.45
C ALA A 84 0.47 -19.69 -11.11
N GLN A 85 0.67 -20.00 -12.39
CA GLN A 85 -0.30 -20.82 -13.10
C GLN A 85 -0.18 -22.26 -12.62
N ASN A 86 0.73 -22.51 -11.67
CA ASN A 86 1.05 -23.86 -11.24
C ASN A 86 0.52 -24.11 -9.82
N ILE A 87 0.22 -23.02 -9.10
CA ILE A 87 -0.32 -23.15 -7.76
C ILE A 87 -1.72 -23.75 -7.86
N PRO A 88 -1.98 -24.91 -7.19
CA PRO A 88 -3.20 -25.70 -7.42
C PRO A 88 -4.32 -25.41 -6.42
N TRP A 89 -4.37 -24.17 -5.94
CA TRP A 89 -5.17 -23.82 -4.79
C TRP A 89 -6.63 -23.59 -5.16
N VAL A 90 -6.92 -23.57 -6.47
CA VAL A 90 -8.32 -23.50 -6.83
C VAL A 90 -8.92 -24.88 -6.56
N LYS A 91 -8.32 -25.91 -7.16
CA LYS A 91 -8.82 -27.27 -7.03
C LYS A 91 -8.65 -27.75 -5.59
N ASN A 92 -7.47 -27.46 -5.01
CA ASN A 92 -7.17 -27.97 -3.68
C ASN A 92 -8.00 -27.23 -2.64
N ASP A 93 -8.08 -25.89 -2.74
CA ASP A 93 -8.50 -25.09 -1.59
C ASP A 93 -9.73 -24.22 -1.88
N GLY A 94 -10.24 -24.29 -3.12
CA GLY A 94 -11.37 -23.46 -3.54
C GLY A 94 -11.05 -21.97 -3.63
N VAL A 95 -9.78 -21.59 -3.84
CA VAL A 95 -9.39 -20.20 -4.00
C VAL A 95 -10.24 -19.54 -5.08
N ASP A 96 -10.86 -18.39 -4.77
CA ASP A 96 -11.73 -17.65 -5.67
C ASP A 96 -10.95 -16.46 -6.24
N PHE A 97 -10.06 -15.97 -5.39
CA PHE A 97 -9.57 -14.59 -5.44
C PHE A 97 -8.12 -14.63 -4.98
N VAL A 98 -7.21 -13.99 -5.74
CA VAL A 98 -5.80 -13.90 -5.35
C VAL A 98 -5.47 -12.48 -4.87
N LEU A 99 -4.90 -12.38 -3.67
CA LEU A 99 -4.19 -11.18 -3.27
C LEU A 99 -2.74 -11.38 -3.68
N GLU A 100 -2.34 -10.71 -4.78
CA GLU A 100 -1.02 -10.84 -5.37
C GLU A 100 -0.03 -9.87 -4.74
N CYS A 101 0.89 -10.40 -3.90
CA CYS A 101 1.78 -9.60 -3.08
C CYS A 101 3.25 -10.02 -3.20
N THR A 102 3.63 -10.67 -4.32
CA THR A 102 5.02 -11.12 -4.48
C THR A 102 5.95 -10.02 -5.00
N GLY A 103 5.38 -9.04 -5.71
CA GLY A 103 6.17 -8.02 -6.37
C GLY A 103 6.63 -8.48 -7.75
N PHE A 104 6.30 -9.73 -8.09
CA PHE A 104 6.75 -10.35 -9.33
C PHE A 104 5.64 -10.47 -10.37
N TYR A 105 4.43 -9.95 -10.10
CA TYR A 105 3.36 -10.09 -11.08
C TYR A 105 2.65 -8.77 -11.33
N THR A 106 3.41 -7.66 -11.33
CA THR A 106 2.83 -6.33 -11.25
C THR A 106 2.41 -5.84 -12.64
N SER A 107 1.59 -6.63 -13.33
CA SER A 107 0.94 -6.15 -14.53
C SER A 107 -0.26 -7.04 -14.84
N LYS A 108 -1.14 -6.57 -15.74
CA LYS A 108 -2.28 -7.39 -16.11
C LYS A 108 -1.82 -8.69 -16.76
N ALA A 109 -0.87 -8.61 -17.70
CA ALA A 109 -0.41 -9.78 -18.43
C ALA A 109 0.08 -10.85 -17.45
N LYS A 110 0.96 -10.44 -16.53
CA LYS A 110 1.61 -11.37 -15.63
C LYS A 110 0.57 -11.99 -14.69
N SER A 111 -0.26 -11.14 -14.08
CA SER A 111 -1.24 -11.58 -13.11
C SER A 111 -2.38 -12.36 -13.78
N GLU A 112 -2.38 -12.44 -15.11
CA GLU A 112 -3.26 -13.40 -15.78
C GLU A 112 -2.89 -14.84 -15.41
N ALA A 113 -1.65 -15.07 -14.98
CA ALA A 113 -1.19 -16.41 -14.62
C ALA A 113 -2.14 -17.06 -13.61
N HIS A 114 -2.69 -16.26 -12.69
CA HIS A 114 -3.62 -16.72 -11.66
C HIS A 114 -4.98 -17.06 -12.30
N LEU A 115 -5.35 -16.35 -13.37
CA LEU A 115 -6.59 -16.60 -14.08
C LEU A 115 -6.49 -17.91 -14.86
N LYS A 116 -5.28 -18.21 -15.35
CA LYS A 116 -4.95 -19.48 -15.97
C LYS A 116 -5.00 -20.60 -14.93
N ALA A 117 -4.63 -20.28 -13.68
CA ALA A 117 -4.63 -21.23 -12.58
C ALA A 117 -6.06 -21.52 -12.11
N GLY A 118 -7.00 -20.63 -12.47
CA GLY A 118 -8.43 -20.86 -12.31
C GLY A 118 -9.08 -19.89 -11.33
N ALA A 119 -8.26 -19.00 -10.74
CA ALA A 119 -8.76 -17.90 -9.91
C ALA A 119 -9.55 -16.93 -10.77
N LYS A 120 -10.52 -16.24 -10.14
CA LYS A 120 -11.52 -15.44 -10.84
C LYS A 120 -11.09 -13.97 -10.88
N ARG A 121 -10.46 -13.51 -9.79
CA ARG A 121 -10.10 -12.11 -9.60
C ARG A 121 -8.69 -12.03 -9.00
N VAL A 122 -7.98 -10.93 -9.28
CA VAL A 122 -6.71 -10.63 -8.63
C VAL A 122 -6.74 -9.16 -8.18
N LEU A 123 -6.34 -8.91 -6.94
CA LEU A 123 -5.98 -7.58 -6.49
C LEU A 123 -4.47 -7.52 -6.23
N ILE A 124 -3.80 -6.59 -6.89
CA ILE A 124 -2.34 -6.58 -6.90
C ILE A 124 -1.87 -5.51 -5.93
N SER A 125 -0.89 -5.86 -5.09
CA SER A 125 -0.49 -5.03 -3.96
C SER A 125 0.49 -3.95 -4.40
N ALA A 126 0.34 -3.47 -5.63
CA ALA A 126 1.34 -2.57 -6.22
C ALA A 126 0.80 -1.93 -7.48
N PRO A 127 1.44 -0.84 -7.97
CA PRO A 127 1.10 -0.30 -9.29
C PRO A 127 1.37 -1.41 -10.31
N ALA A 128 0.45 -1.55 -11.27
CA ALA A 128 0.52 -2.61 -12.25
C ALA A 128 0.09 -2.07 -13.61
N GLY A 129 0.43 -0.81 -13.91
CA GLY A 129 0.20 -0.26 -15.24
C GLY A 129 -1.14 0.47 -15.40
N SER A 130 -1.45 0.82 -16.64
CA SER A 130 -2.56 1.72 -16.89
C SER A 130 -3.66 1.02 -17.69
N ASP A 131 -3.50 -0.29 -17.91
CA ASP A 131 -4.50 -1.04 -18.68
C ASP A 131 -5.44 -1.80 -17.74
N LEU A 132 -5.51 -1.34 -16.49
CA LEU A 132 -6.50 -1.78 -15.52
C LEU A 132 -6.81 -0.61 -14.58
N LYS A 133 -7.68 -0.81 -13.59
CA LYS A 133 -7.97 0.25 -12.64
C LYS A 133 -6.99 0.23 -11.47
N THR A 134 -6.64 1.43 -10.99
CA THR A 134 -5.92 1.52 -9.74
C THR A 134 -6.87 2.18 -8.75
N ILE A 135 -7.04 1.53 -7.59
CA ILE A 135 -8.03 1.99 -6.63
C ILE A 135 -7.32 2.44 -5.38
N VAL A 136 -7.59 3.69 -4.97
CA VAL A 136 -7.26 4.17 -3.64
C VAL A 136 -8.58 4.31 -2.89
N TYR A 137 -8.80 3.43 -1.90
CA TYR A 137 -10.04 3.42 -1.16
C TYR A 137 -10.22 4.75 -0.45
N GLY A 138 -11.42 5.31 -0.54
CA GLY A 138 -11.68 6.63 0.00
C GLY A 138 -11.54 7.72 -1.07
N VAL A 139 -10.99 7.37 -2.23
CA VAL A 139 -10.81 8.35 -3.30
C VAL A 139 -11.53 7.92 -4.57
N ASN A 140 -11.33 6.69 -5.08
CA ASN A 140 -12.06 6.31 -6.27
C ASN A 140 -12.51 4.86 -6.24
N ASP A 141 -12.91 4.34 -5.07
CA ASP A 141 -13.36 2.97 -4.99
C ASP A 141 -14.76 2.81 -5.61
N ASP A 142 -15.45 3.92 -5.84
CA ASP A 142 -16.73 3.87 -6.54
C ASP A 142 -16.57 3.59 -8.03
N THR A 143 -15.33 3.51 -8.52
CA THR A 143 -15.12 3.17 -9.92
C THR A 143 -15.12 1.65 -10.10
N LEU A 144 -15.03 0.93 -8.97
CA LEU A 144 -14.82 -0.51 -8.97
C LEU A 144 -16.16 -1.19 -9.27
N THR A 145 -16.16 -2.21 -10.13
CA THR A 145 -17.35 -3.02 -10.39
C THR A 145 -17.03 -4.51 -10.23
N ALA A 146 -18.07 -5.34 -10.30
CA ALA A 146 -17.92 -6.78 -10.22
C ALA A 146 -17.27 -7.33 -11.47
N ASP A 147 -17.39 -6.58 -12.58
CA ASP A 147 -16.82 -6.96 -13.86
C ASP A 147 -15.29 -7.11 -13.77
N ASP A 148 -14.64 -6.22 -13.02
CA ASP A 148 -13.20 -6.11 -13.03
C ASP A 148 -12.56 -7.44 -12.61
N LYS A 149 -11.52 -7.87 -13.34
CA LYS A 149 -10.90 -9.16 -13.05
C LYS A 149 -9.57 -8.93 -12.33
N ILE A 150 -8.71 -8.06 -12.89
CA ILE A 150 -7.42 -7.79 -12.29
C ILE A 150 -7.32 -6.29 -12.02
N VAL A 151 -7.05 -5.93 -10.76
CA VAL A 151 -7.12 -4.58 -10.24
C VAL A 151 -5.83 -4.29 -9.44
N SER A 152 -5.40 -3.02 -9.43
CA SER A 152 -4.25 -2.57 -8.68
C SER A 152 -4.71 -1.76 -7.47
N ALA A 153 -4.02 -1.94 -6.33
CA ALA A 153 -4.29 -1.13 -5.16
C ALA A 153 -3.31 0.04 -5.07
N GLY A 154 -2.57 0.30 -6.17
CA GLY A 154 -1.53 1.33 -6.18
C GLY A 154 -0.36 0.97 -5.27
N SER A 155 0.43 1.98 -4.88
CA SER A 155 1.51 1.79 -3.92
C SER A 155 1.13 2.41 -2.58
N CYS A 156 2.00 2.19 -1.59
CA CYS A 156 1.89 2.90 -0.32
C CYS A 156 1.88 4.40 -0.61
N THR A 157 2.79 4.87 -1.48
CA THR A 157 2.90 6.32 -1.69
C THR A 157 1.65 6.85 -2.38
N THR A 158 1.11 6.08 -3.34
CA THR A 158 -0.11 6.47 -4.03
C THR A 158 -1.21 6.69 -2.99
N ASN A 159 -1.32 5.72 -2.06
CA ASN A 159 -2.34 5.80 -1.02
C ASN A 159 -2.10 6.98 -0.09
N SER A 160 -0.83 7.35 0.14
CA SER A 160 -0.54 8.48 1.00
C SER A 160 -0.92 9.79 0.32
N LEU A 161 -0.81 9.82 -1.00
CA LEU A 161 -0.81 11.06 -1.75
C LEU A 161 -2.23 11.37 -2.23
N ALA A 162 -2.96 10.37 -2.73
CA ALA A 162 -4.21 10.60 -3.44
C ALA A 162 -5.27 11.33 -2.61
N PRO A 163 -5.49 10.95 -1.33
CA PRO A 163 -6.51 11.64 -0.51
C PRO A 163 -6.16 13.12 -0.31
N MET A 164 -4.87 13.41 -0.10
CA MET A 164 -4.44 14.78 0.10
C MET A 164 -4.63 15.57 -1.19
N VAL A 165 -4.27 15.00 -2.34
CA VAL A 165 -4.40 15.80 -3.55
C VAL A 165 -5.87 15.92 -3.97
N ASN A 166 -6.65 14.86 -3.71
CA ASN A 166 -8.09 14.87 -3.96
C ASN A 166 -8.73 16.06 -3.23
N ALA A 167 -8.47 16.16 -1.91
CA ALA A 167 -8.98 17.26 -1.12
C ALA A 167 -8.54 18.61 -1.69
N LEU A 168 -7.24 18.78 -1.99
CA LEU A 168 -6.74 20.03 -2.53
C LEU A 168 -7.39 20.36 -3.89
N GLN A 169 -7.54 19.34 -4.75
CA GLN A 169 -8.07 19.59 -6.07
C GLN A 169 -9.52 20.05 -5.95
N LYS A 170 -10.30 19.37 -5.10
CA LYS A 170 -11.72 19.69 -5.02
C LYS A 170 -11.94 21.03 -4.32
N GLU A 171 -11.04 21.43 -3.42
CA GLU A 171 -11.28 22.62 -2.61
C GLU A 171 -10.67 23.87 -3.23
N PHE A 172 -9.49 23.74 -3.86
CA PHE A 172 -8.80 24.93 -4.33
C PHE A 172 -8.38 24.80 -5.79
N GLY A 173 -8.18 23.57 -6.27
CA GLY A 173 -7.59 23.33 -7.59
C GLY A 173 -6.06 23.33 -7.55
N ILE A 174 -5.45 22.31 -8.15
CA ILE A 174 -4.00 22.23 -8.24
C ILE A 174 -3.57 22.54 -9.66
N GLU A 175 -2.65 23.51 -9.82
CA GLU A 175 -2.12 23.84 -11.13
C GLU A 175 -0.97 22.89 -11.45
N VAL A 176 -0.06 22.74 -10.49
CA VAL A 176 1.12 21.88 -10.64
C VAL A 176 1.67 21.58 -9.25
N GLY A 177 2.41 20.46 -9.12
CA GLY A 177 2.92 20.11 -7.81
C GLY A 177 4.09 19.15 -7.90
N THR A 178 4.92 19.13 -6.86
CA THR A 178 6.04 18.21 -6.84
C THR A 178 6.12 17.59 -5.44
N MET A 179 6.42 16.28 -5.40
CA MET A 179 6.36 15.50 -4.17
C MET A 179 7.76 15.02 -3.77
N THR A 180 8.06 15.00 -2.46
CA THR A 180 9.15 14.20 -1.94
C THR A 180 8.61 13.34 -0.81
N THR A 181 8.75 12.01 -0.92
CA THR A 181 8.41 11.17 0.22
C THR A 181 9.68 10.74 0.95
N ILE A 182 9.77 11.06 2.24
CA ILE A 182 10.82 10.54 3.12
C ILE A 182 10.35 9.18 3.66
N HIS A 183 11.00 8.11 3.20
CA HIS A 183 10.37 6.79 3.19
C HIS A 183 11.27 5.75 3.86
N ALA A 184 10.63 4.85 4.64
CA ALA A 184 11.34 3.74 5.27
C ALA A 184 12.06 2.90 4.22
N TYR A 185 13.12 2.18 4.66
CA TYR A 185 13.73 1.22 3.74
C TYR A 185 12.80 0.03 3.52
N THR A 186 12.94 -0.64 2.37
CA THR A 186 12.14 -1.80 2.03
C THR A 186 13.04 -2.91 1.50
N SER A 187 12.47 -4.07 1.24
CA SER A 187 13.28 -5.23 0.90
C SER A 187 13.77 -5.16 -0.54
N THR A 188 13.47 -4.12 -1.31
CA THR A 188 14.16 -3.96 -2.59
C THR A 188 15.57 -3.41 -2.38
N GLN A 189 15.89 -2.96 -1.17
CA GLN A 189 17.16 -2.30 -0.90
C GLN A 189 18.15 -3.34 -0.40
N MET A 190 19.41 -2.93 -0.18
CA MET A 190 20.44 -3.82 0.30
C MET A 190 20.71 -3.59 1.78
N LEU A 191 20.95 -4.69 2.51
CA LEU A 191 21.45 -4.57 3.87
C LEU A 191 22.84 -3.93 3.90
N LEU A 192 23.75 -4.40 3.04
CA LEU A 192 25.07 -3.75 2.94
C LEU A 192 25.34 -3.50 1.46
N ASP A 193 26.29 -2.61 1.15
CA ASP A 193 26.53 -2.28 -0.26
C ASP A 193 26.83 -3.56 -1.02
N GLY A 194 26.15 -3.79 -2.15
CA GLY A 194 26.49 -4.93 -2.98
C GLY A 194 25.57 -5.03 -4.18
N PRO A 195 25.82 -5.97 -5.13
CA PRO A 195 24.98 -6.06 -6.33
C PRO A 195 23.51 -6.22 -5.96
N VAL A 196 22.65 -5.43 -6.61
CA VAL A 196 21.23 -5.39 -6.31
C VAL A 196 20.52 -5.74 -7.60
N ARG A 197 19.39 -6.47 -7.50
CA ARG A 197 18.61 -6.79 -8.69
C ARG A 197 18.26 -5.48 -9.42
N GLY A 198 18.49 -5.46 -10.73
CA GLY A 198 18.21 -4.26 -11.51
C GLY A 198 19.44 -3.36 -11.68
N GLY A 199 20.42 -3.47 -10.78
CA GLY A 199 21.71 -2.85 -11.01
C GLY A 199 21.80 -1.36 -10.65
N ASN A 200 20.77 -0.80 -10.00
CA ASN A 200 20.75 0.63 -9.70
C ASN A 200 21.86 1.00 -8.72
N LEU A 201 22.60 2.09 -9.01
CA LEU A 201 23.77 2.42 -8.20
C LEU A 201 23.40 2.89 -6.80
N ARG A 202 22.15 3.34 -6.63
CA ARG A 202 21.74 3.83 -5.32
C ARG A 202 21.04 2.73 -4.53
N SER A 203 20.18 1.95 -5.20
CA SER A 203 19.53 0.79 -4.62
C SER A 203 20.56 -0.18 -4.04
N ALA A 204 21.78 -0.12 -4.56
CA ALA A 204 22.83 -1.06 -4.17
C ALA A 204 23.41 -0.74 -2.79
N ARG A 205 23.10 0.44 -2.24
CA ARG A 205 23.79 0.93 -1.06
C ARG A 205 23.14 0.47 0.24
N ALA A 206 23.96 0.31 1.28
CA ALA A 206 23.51 -0.18 2.58
C ALA A 206 22.32 0.67 3.06
N ALA A 207 21.18 0.03 3.35
CA ALA A 207 19.93 0.78 3.52
C ALA A 207 19.79 1.44 4.89
N ALA A 208 20.37 0.83 5.93
CA ALA A 208 20.08 1.27 7.28
C ALA A 208 21.14 2.25 7.77
N ILE A 209 22.01 2.71 6.87
CA ILE A 209 23.06 3.67 7.24
C ILE A 209 23.20 4.78 6.20
N ASN A 210 22.23 4.95 5.28
CA ASN A 210 22.30 6.01 4.26
C ASN A 210 20.93 6.69 4.06
N ILE A 211 20.96 7.99 3.76
CA ILE A 211 19.92 8.66 2.98
C ILE A 211 20.14 8.33 1.50
N ILE A 212 19.15 7.68 0.89
CA ILE A 212 19.30 7.22 -0.49
C ILE A 212 18.17 7.73 -1.41
N PRO A 213 18.46 8.63 -2.38
CA PRO A 213 17.43 9.12 -3.29
C PRO A 213 16.90 7.94 -4.07
N HIS A 214 15.60 7.94 -4.37
CA HIS A 214 14.92 6.86 -5.08
C HIS A 214 13.89 7.45 -6.03
N SER A 215 13.73 6.81 -7.19
CA SER A 215 12.66 7.15 -8.13
C SER A 215 11.32 6.65 -7.60
N THR A 216 10.23 7.36 -7.93
CA THR A 216 8.91 6.83 -7.68
C THR A 216 7.94 7.46 -8.69
N GLY A 217 7.04 6.64 -9.24
CA GLY A 217 6.07 7.15 -10.20
C GLY A 217 4.73 7.53 -9.55
N ALA A 218 4.64 7.53 -8.22
CA ALA A 218 3.39 7.75 -7.51
C ALA A 218 2.71 9.05 -7.92
N ALA A 219 3.50 10.14 -8.00
CA ALA A 219 2.96 11.46 -8.28
C ALA A 219 2.62 11.56 -9.77
N LYS A 220 3.54 11.03 -10.58
CA LYS A 220 3.41 11.08 -12.02
C LYS A 220 2.18 10.32 -12.51
N ALA A 221 1.84 9.21 -11.87
CA ALA A 221 0.76 8.33 -12.29
C ALA A 221 -0.55 8.62 -11.54
N ILE A 222 -0.60 9.73 -10.78
CA ILE A 222 -1.74 10.00 -9.92
C ILE A 222 -3.03 10.09 -10.74
N GLY A 223 -2.93 10.43 -12.03
CA GLY A 223 -4.10 10.59 -12.87
C GLY A 223 -4.94 9.31 -12.99
N LEU A 224 -4.35 8.14 -12.73
CA LEU A 224 -5.11 6.91 -12.76
C LEU A 224 -6.12 6.86 -11.61
N VAL A 225 -5.87 7.66 -10.58
CA VAL A 225 -6.72 7.61 -9.39
C VAL A 225 -7.53 8.90 -9.33
N VAL A 226 -6.90 10.04 -9.65
CA VAL A 226 -7.53 11.35 -9.62
C VAL A 226 -7.36 11.96 -10.99
N PRO A 227 -8.24 11.63 -11.96
CA PRO A 227 -7.98 11.89 -13.37
C PRO A 227 -7.72 13.37 -13.70
N GLU A 228 -8.25 14.26 -12.87
CA GLU A 228 -8.09 15.70 -13.09
C GLU A 228 -6.63 16.12 -12.94
N LEU A 229 -5.85 15.36 -12.18
CA LEU A 229 -4.49 15.80 -11.91
C LEU A 229 -3.53 15.10 -12.87
N ASN A 230 -4.08 14.44 -13.88
CA ASN A 230 -3.26 13.86 -14.91
C ASN A 230 -2.27 14.91 -15.42
N GLY A 231 -0.99 14.53 -15.48
CA GLY A 231 0.09 15.36 -15.98
C GLY A 231 0.45 16.53 -15.07
N LYS A 232 -0.09 16.62 -13.86
CA LYS A 232 0.14 17.86 -13.11
C LYS A 232 1.21 17.69 -12.03
N LEU A 233 1.55 16.44 -11.69
CA LEU A 233 2.36 16.14 -10.52
C LEU A 233 3.62 15.37 -10.93
N ASN A 234 4.71 15.58 -10.19
CA ASN A 234 5.82 14.63 -10.22
C ASN A 234 6.48 14.60 -8.85
N GLY A 235 7.51 13.76 -8.71
CA GLY A 235 8.26 13.77 -7.46
C GLY A 235 9.28 12.64 -7.34
N HIS A 236 9.83 12.48 -6.13
CA HIS A 236 10.77 11.38 -5.91
C HIS A 236 10.72 10.97 -4.45
N ALA A 237 11.64 10.08 -4.06
CA ALA A 237 11.71 9.60 -2.69
C ALA A 237 13.12 9.82 -2.15
N GLN A 238 13.24 9.98 -0.82
CA GLN A 238 14.47 9.76 -0.10
C GLN A 238 14.24 8.57 0.85
N ARG A 239 14.95 7.46 0.62
CA ARG A 239 14.92 6.31 1.53
C ARG A 239 15.86 6.56 2.71
N VAL A 240 15.32 6.45 3.92
CA VAL A 240 16.10 6.75 5.12
C VAL A 240 16.04 5.58 6.11
N PRO A 241 16.97 5.53 7.10
CA PRO A 241 17.05 4.36 8.00
C PRO A 241 15.98 4.29 9.10
N VAL A 242 14.72 4.10 8.70
CA VAL A 242 13.71 3.49 9.58
C VAL A 242 13.17 2.26 8.87
N PRO A 243 12.79 1.21 9.62
CA PRO A 243 12.36 -0.06 9.03
C PRO A 243 10.93 -0.06 8.52
N ASP A 244 10.16 0.96 8.95
CA ASP A 244 8.78 1.19 8.52
C ASP A 244 8.39 2.58 9.00
N GLY A 245 7.38 3.17 8.35
CA GLY A 245 6.97 4.52 8.72
C GLY A 245 7.51 5.52 7.70
N SER A 246 6.61 6.24 7.00
CA SER A 246 7.00 7.12 5.91
C SER A 246 6.17 8.40 5.92
N VAL A 247 6.60 9.42 5.16
CA VAL A 247 5.93 10.71 5.15
C VAL A 247 6.03 11.30 3.74
N THR A 248 4.91 11.85 3.25
CA THR A 248 4.89 12.41 1.90
C THR A 248 4.66 13.91 2.00
N GLU A 249 5.58 14.70 1.46
CA GLU A 249 5.43 16.13 1.31
C GLU A 249 5.03 16.44 -0.12
N LEU A 250 4.10 17.38 -0.27
CA LEU A 250 3.71 17.87 -1.58
C LEU A 250 3.86 19.38 -1.57
N VAL A 251 4.46 19.92 -2.63
CA VAL A 251 4.51 21.37 -2.80
C VAL A 251 3.69 21.71 -4.03
N SER A 252 2.63 22.53 -3.85
CA SER A 252 1.69 22.84 -4.92
C SER A 252 1.68 24.33 -5.21
N ILE A 253 1.40 24.67 -6.48
CA ILE A 253 0.73 25.90 -6.87
C ILE A 253 -0.76 25.57 -6.99
N LEU A 254 -1.57 26.29 -6.21
CA LEU A 254 -3.02 26.13 -6.24
C LEU A 254 -3.63 27.27 -7.05
N SER A 255 -4.90 27.10 -7.42
CA SER A 255 -5.60 28.09 -8.22
C SER A 255 -6.07 29.25 -7.36
N LYS A 256 -5.99 29.15 -6.03
CA LYS A 256 -6.50 30.25 -5.22
C LYS A 256 -5.44 30.63 -4.20
N ASP A 257 -5.47 31.86 -3.72
CA ASP A 257 -4.57 32.24 -2.62
C ASP A 257 -5.16 31.66 -1.34
N VAL A 258 -4.33 30.97 -0.53
CA VAL A 258 -4.81 30.32 0.69
C VAL A 258 -3.93 30.73 1.87
N THR A 259 -4.39 30.42 3.10
CA THR A 259 -3.50 30.39 4.25
C THR A 259 -3.34 28.96 4.75
N ALA A 260 -2.31 28.69 5.57
CA ALA A 260 -2.13 27.36 6.12
C ALA A 260 -3.44 26.92 6.79
N ASP A 261 -4.09 27.83 7.53
CA ASP A 261 -5.24 27.46 8.36
C ASP A 261 -6.40 27.05 7.46
N GLU A 262 -6.54 27.76 6.33
CA GLU A 262 -7.59 27.51 5.36
C GLU A 262 -7.37 26.15 4.70
N VAL A 263 -6.09 25.88 4.37
CA VAL A 263 -5.73 24.60 3.81
C VAL A 263 -6.06 23.47 4.80
N ASN A 264 -5.69 23.66 6.07
CA ASN A 264 -5.89 22.62 7.07
C ASN A 264 -7.38 22.35 7.25
N GLU A 265 -8.14 23.44 7.38
CA GLU A 265 -9.59 23.37 7.53
C GLU A 265 -10.23 22.66 6.33
N ALA A 266 -9.82 22.99 5.10
CA ALA A 266 -10.42 22.35 3.93
C ALA A 266 -10.12 20.84 3.90
N VAL A 267 -8.88 20.46 4.20
CA VAL A 267 -8.50 19.05 4.13
C VAL A 267 -9.19 18.22 5.21
N LYS A 268 -9.43 18.83 6.39
CA LYS A 268 -10.13 18.13 7.47
C LYS A 268 -11.55 17.71 7.05
N LYS A 269 -12.13 18.40 6.06
CA LYS A 269 -13.47 18.05 5.61
C LYS A 269 -13.47 16.65 5.01
N TYR A 270 -12.30 16.14 4.62
CA TYR A 270 -12.21 14.87 3.91
C TYR A 270 -11.82 13.71 4.83
N GLU A 271 -11.73 14.00 6.13
CA GLU A 271 -11.33 13.01 7.13
C GLU A 271 -12.21 11.77 7.02
N SER A 272 -11.61 10.58 7.13
CA SER A 272 -12.35 9.33 6.96
C SER A 272 -11.52 8.20 7.55
N PRO A 273 -12.03 6.95 7.60
CA PRO A 273 -11.19 5.82 8.04
C PRO A 273 -9.96 5.70 7.14
N SER A 274 -10.05 6.21 5.90
CA SER A 274 -8.98 6.10 4.93
C SER A 274 -8.00 7.27 4.99
N PHE A 275 -8.48 8.42 5.47
CA PHE A 275 -7.72 9.66 5.44
C PHE A 275 -7.79 10.35 6.79
N ALA A 276 -6.74 10.15 7.61
CA ALA A 276 -6.80 10.63 8.97
C ALA A 276 -6.32 12.08 9.03
N TYR A 277 -6.62 12.74 10.16
CA TYR A 277 -6.15 14.09 10.42
C TYR A 277 -5.61 14.15 11.84
N ASN A 278 -4.30 14.43 11.98
CA ASN A 278 -3.63 14.18 13.26
C ASN A 278 -2.77 15.37 13.61
N ASP A 279 -3.17 16.12 14.63
CA ASP A 279 -2.50 17.37 14.96
C ASP A 279 -1.68 17.20 16.24
N HIS A 280 -1.32 15.96 16.61
CA HIS A 280 -0.74 15.73 17.93
C HIS A 280 0.79 15.78 17.92
N ASN A 281 1.42 16.28 16.85
CA ASN A 281 2.88 16.40 16.82
C ASN A 281 3.57 15.06 16.93
N ILE A 282 3.09 14.11 16.11
CA ILE A 282 3.62 12.75 16.12
C ILE A 282 4.93 12.68 15.34
N VAL A 283 5.59 11.50 15.41
CA VAL A 283 6.77 11.20 14.65
C VAL A 283 6.56 9.82 14.07
N SER A 284 7.50 9.34 13.24
CA SER A 284 7.25 8.15 12.43
C SER A 284 6.88 6.91 13.28
N SER A 285 7.54 6.70 14.43
CA SER A 285 7.19 5.48 15.15
C SER A 285 5.76 5.51 15.69
N ASP A 286 5.15 6.69 15.89
CA ASP A 286 3.75 6.75 16.31
C ASP A 286 2.80 6.36 15.17
N VAL A 287 3.33 6.40 13.94
CA VAL A 287 2.53 6.12 12.77
C VAL A 287 2.35 4.61 12.63
N LEU A 288 3.27 3.81 13.23
CA LEU A 288 3.21 2.38 13.00
C LEU A 288 1.89 1.83 13.54
N GLY A 289 1.21 1.02 12.73
CA GLY A 289 -0.05 0.45 13.16
C GLY A 289 -1.26 1.32 12.84
N MET A 290 -1.07 2.55 12.37
CA MET A 290 -2.23 3.36 12.00
C MET A 290 -2.95 2.75 10.80
N THR A 291 -4.29 2.82 10.76
CA THR A 291 -5.02 2.03 9.79
C THR A 291 -5.51 2.88 8.62
N ALA A 292 -5.41 4.21 8.70
CA ALA A 292 -5.72 5.06 7.54
C ALA A 292 -4.65 4.89 6.47
N GLY A 293 -4.99 5.12 5.19
CA GLY A 293 -4.04 5.02 4.09
C GLY A 293 -3.07 6.20 4.09
N SER A 294 -3.51 7.29 4.73
CA SER A 294 -2.82 8.57 4.70
C SER A 294 -3.23 9.32 5.96
N ILE A 295 -2.25 9.91 6.63
CA ILE A 295 -2.52 10.63 7.88
C ILE A 295 -2.03 12.07 7.71
N PHE A 296 -2.97 12.98 7.39
CA PHE A 296 -2.62 14.37 7.14
C PHE A 296 -2.07 14.98 8.43
N ASP A 297 -0.98 15.76 8.33
CA ASP A 297 -0.36 16.39 9.48
C ASP A 297 -0.40 17.92 9.34
N PRO A 298 -1.41 18.56 9.96
CA PRO A 298 -1.61 19.98 9.75
C PRO A 298 -0.48 20.80 10.37
N THR A 299 0.29 20.19 11.31
CA THR A 299 1.35 20.93 11.95
C THR A 299 2.49 21.20 10.96
N GLN A 300 2.51 20.48 9.82
CA GLN A 300 3.59 20.67 8.86
C GLN A 300 3.17 21.56 7.69
N THR A 301 1.91 22.02 7.69
CA THR A 301 1.45 22.84 6.58
C THR A 301 2.22 24.17 6.55
N MET A 302 2.68 24.54 5.36
CA MET A 302 3.40 25.80 5.17
C MET A 302 3.10 26.40 3.79
N VAL A 303 2.62 27.64 3.84
CA VAL A 303 2.25 28.39 2.65
C VAL A 303 3.23 29.55 2.56
N THR A 304 3.99 29.60 1.46
CA THR A 304 5.07 30.57 1.35
C THR A 304 4.73 31.47 0.17
N THR A 305 4.72 32.78 0.44
CA THR A 305 4.19 33.81 -0.45
C THR A 305 5.24 34.90 -0.65
N ALA A 306 5.49 35.24 -1.92
CA ALA A 306 6.19 36.47 -2.22
C ALA A 306 5.52 37.12 -3.42
N GLY A 307 5.09 38.37 -3.21
CA GLY A 307 4.28 39.07 -4.18
C GLY A 307 3.00 38.30 -4.48
N ASP A 308 2.80 38.02 -5.81
CA ASP A 308 1.59 37.36 -6.26
C ASP A 308 1.81 35.85 -6.35
N LYS A 309 3.02 35.41 -5.94
CA LYS A 309 3.39 34.01 -6.10
C LYS A 309 3.32 33.30 -4.74
N GLN A 310 2.78 32.07 -4.76
CA GLN A 310 2.52 31.35 -3.51
C GLN A 310 2.82 29.86 -3.71
N LEU A 311 3.52 29.26 -2.73
CA LEU A 311 3.71 27.81 -2.74
C LEU A 311 3.03 27.20 -1.51
N VAL A 312 2.43 26.02 -1.67
CA VAL A 312 1.70 25.40 -0.57
C VAL A 312 2.32 24.02 -0.34
N LYS A 313 2.86 23.83 0.88
CA LYS A 313 3.42 22.53 1.26
C LYS A 313 2.45 21.86 2.23
N THR A 314 2.06 20.62 1.87
CA THR A 314 1.19 19.80 2.71
C THR A 314 1.84 18.44 2.88
N VAL A 315 1.58 17.81 4.04
CA VAL A 315 2.39 16.67 4.43
C VAL A 315 1.47 15.62 5.05
N ALA A 316 1.61 14.36 4.63
CA ALA A 316 0.86 13.24 5.24
C ALA A 316 1.80 12.10 5.60
N TRP A 317 1.59 11.53 6.79
CA TRP A 317 2.27 10.32 7.23
C TRP A 317 1.60 9.10 6.62
N TYR A 318 2.35 7.99 6.64
CA TYR A 318 1.75 6.71 6.36
C TYR A 318 2.63 5.58 6.85
N ASP A 319 2.00 4.56 7.44
CA ASP A 319 2.68 3.31 7.72
C ASP A 319 2.77 2.56 6.40
N ASN A 320 3.91 2.67 5.69
CA ASN A 320 3.92 2.22 4.30
C ASN A 320 3.45 0.78 4.21
N GLU A 321 3.73 -0.01 5.25
CA GLU A 321 3.32 -1.40 5.25
C GLU A 321 1.85 -1.48 5.61
N TYR A 322 1.48 -0.95 6.78
CA TYR A 322 0.18 -1.28 7.37
C TYR A 322 -0.95 -0.38 6.87
N SER A 323 -0.66 0.93 6.70
CA SER A 323 -1.63 1.84 6.06
C SER A 323 -2.05 1.29 4.71
N PHE A 324 -1.07 0.89 3.93
CA PHE A 324 -1.35 0.36 2.61
C PHE A 324 -2.17 -0.91 2.74
N THR A 325 -1.74 -1.78 3.66
CA THR A 325 -2.43 -3.06 3.81
C THR A 325 -3.90 -2.85 4.17
N CYS A 326 -4.15 -1.96 5.12
CA CYS A 326 -5.54 -1.71 5.54
C CYS A 326 -6.38 -1.13 4.38
N GLN A 327 -5.75 -0.33 3.52
CA GLN A 327 -6.41 0.15 2.32
C GLN A 327 -6.78 -1.00 1.39
N MET A 328 -5.79 -1.84 1.11
CA MET A 328 -6.01 -3.02 0.28
C MET A 328 -7.18 -3.83 0.85
N VAL A 329 -7.20 -4.01 2.17
CA VAL A 329 -8.27 -4.78 2.77
C VAL A 329 -9.61 -4.08 2.60
N ARG A 330 -9.64 -2.74 2.69
CA ARG A 330 -10.91 -2.05 2.46
C ARG A 330 -11.45 -2.32 1.05
N THR A 331 -10.53 -2.31 0.09
CA THR A 331 -10.88 -2.50 -1.32
C THR A 331 -11.33 -3.94 -1.52
N LEU A 332 -10.63 -4.83 -0.81
CA LEU A 332 -10.93 -6.24 -0.87
C LEU A 332 -12.34 -6.49 -0.35
N LEU A 333 -12.70 -5.84 0.77
CA LEU A 333 -14.02 -6.02 1.37
C LEU A 333 -15.10 -5.46 0.45
N LYS A 334 -14.83 -4.31 -0.19
CA LYS A 334 -15.79 -3.76 -1.14
C LYS A 334 -15.87 -4.69 -2.34
N PHE A 335 -14.70 -5.08 -2.86
CA PHE A 335 -14.63 -5.96 -4.01
C PHE A 335 -15.53 -7.16 -3.76
N ALA A 336 -15.39 -7.78 -2.58
CA ALA A 336 -16.20 -8.92 -2.18
C ALA A 336 -17.68 -8.54 -2.12
N THR A 337 -18.04 -7.38 -1.58
CA THR A 337 -19.45 -7.05 -1.46
C THR A 337 -20.11 -6.90 -2.83
N LEU A 338 -19.32 -6.99 -3.92
CA LEU A 338 -19.88 -6.97 -5.26
C LEU A 338 -20.15 -8.40 -5.77
PA NAD B . 8.63 -8.92 0.62
O1A NAD B . 9.98 -9.15 0.02
O2A NAD B . 8.56 -8.72 2.07
O5B NAD B . 7.69 -10.11 0.20
C5B NAD B . 7.78 -10.67 -1.09
C4B NAD B . 7.36 -12.09 -0.79
O4B NAD B . 7.05 -12.72 -2.03
C3B NAD B . 8.56 -12.86 -0.20
O3B NAD B . 8.10 -13.62 0.97
C2B NAD B . 9.00 -13.77 -1.34
O2B NAD B . 9.54 -15.02 -0.88
C1B NAD B . 7.71 -14.00 -2.03
N9A NAD B . 7.91 -14.35 -3.43
C8A NAD B . 8.85 -13.79 -4.29
N7A NAD B . 8.76 -14.27 -5.51
C5A NAD B . 7.69 -15.18 -5.48
C6A NAD B . 7.07 -16.02 -6.45
N6A NAD B . 7.45 -16.15 -7.76
N1A NAD B . 6.02 -16.80 -6.07
C2A NAD B . 5.60 -16.74 -4.76
N3A NAD B . 6.11 -15.97 -3.76
C4A NAD B . 7.16 -15.21 -4.19
O3 NAD B . 7.99 -7.68 -0.24
PN NAD B . 6.91 -6.70 0.38
O1N NAD B . 7.43 -5.55 1.15
O2N NAD B . 5.79 -7.57 0.98
O5D NAD B . 6.24 -6.12 -0.93
C5D NAD B . 5.52 -6.98 -1.86
C4D NAD B . 4.75 -6.13 -2.88
O4D NAD B . 4.05 -5.00 -2.20
C3D NAD B . 5.73 -5.44 -3.83
O3D NAD B . 5.04 -5.29 -5.08
C2D NAD B . 5.90 -4.06 -3.15
O2D NAD B . 6.26 -3.08 -4.09
C1D NAD B . 4.48 -3.77 -2.70
N1N NAD B . 4.35 -2.76 -1.63
C2N NAD B . 5.23 -2.79 -0.57
C3N NAD B . 5.05 -1.90 0.46
C7N NAD B . 6.01 -1.86 1.64
O7N NAD B . 6.07 -0.80 2.29
N7N NAD B . 6.77 -2.98 1.96
C4N NAD B . 3.98 -0.95 0.38
C5N NAD B . 3.08 -0.96 -0.71
C6N NAD B . 3.30 -1.86 -1.75
C1 EDO C . -0.71 -4.02 13.38
O1 EDO C . 0.08 -3.95 14.56
C2 EDO C . -0.56 -5.36 12.74
O2 EDO C . -0.08 -6.35 13.65
#